data_7QU2
#
_entry.id   7QU2
#
_cell.length_a   69.847
_cell.length_b   66.752
_cell.length_c   73.101
_cell.angle_alpha   90.000
_cell.angle_beta   103.500
_cell.angle_gamma   90.000
#
_symmetry.space_group_name_H-M   'P 1 21 1'
#
loop_
_entity.id
_entity.type
_entity.pdbx_description
1 polymer 'Fab JUN1 heavy chain'
2 polymer 'Fab JUN1 light chain'
3 polymer 'Glycoprotein G1'
4 branched 2-acetamido-2-deoxy-beta-D-glucopyranose-(1-4)-2-acetamido-2-deoxy-beta-D-glucopyranose
5 non-polymer GLYCEROL
6 non-polymer 2-acetamido-2-deoxy-beta-D-glucopyranose
7 water water
#
loop_
_entity_poly.entity_id
_entity_poly.type
_entity_poly.pdbx_seq_one_letter_code
_entity_poly.pdbx_strand_id
1 'polypeptide(L)'
;ETGQIQLVQSVETGGGLVRPGNSLKLSCVTSGFTFSNYQMHWLRQPPGKRLEWIAVITVKSDNYGANYVESVKGRFAISR
DDSKSSVYLEMNRLREEDTATYFCSRSGIYDGYYAYAMDYWGQGTSVTVSSATTKGPSVYPLAPGSAAQTNSMVTLGCLV
KGYFPEPVTVTWNSGSLSSGVHTFPAVLQSDLYTLSSSVTVPSSTWPSQTVTCNVAHPASSTKVDKKIVPRDCGTKHHHH
HH
;
A
2 'polypeptide(L)'
;ETGSVVMTQSQKFMSTSVGDRVSITCKASQIVGTSVAWYQQKAGQSPKLLIYWASTRHTGVPDRFTAGGSGTDFTLTITN
VQSEDLADYFCQQYATYPLTFGSGTKLELKRTDAAPTVSIFPPSSEQLTSGGASVVCFLNNFYPKDINVKWKIDGSERQN
GVLNSWTDQDSKDSTYSMSSTLTLTKDEYERHNSYTCEATHKTSTSPIVKSFNRNEC
;
B
3 'polypeptide(L)'
;ETGDLPLLCTLNKSHLYIKGGNASFQISFDDIAVLLPQYDVIIQHPADMSWCSKSDDQIWLSQWFMNAVGHDWHLDPPFL
CRNRTKTEGFIFQVNTSKTGVNENYAKKFKTGMHHLYREYPDSCLNGKLCLMKAQPTSWPLQCPLDHVNKHHHHHH
;
C
#
loop_
_chem_comp.id
_chem_comp.type
_chem_comp.name
_chem_comp.formula
GOL non-polymer GLYCEROL 'C3 H8 O3'
NAG D-saccharide, beta linking 2-acetamido-2-deoxy-beta-D-glucopyranose 'C8 H15 N O6'
#
# COMPACT_ATOMS: atom_id res chain seq x y z
N GLN A 4 -18.51 -9.66 7.89
CA GLN A 4 -17.31 -10.42 7.56
C GLN A 4 -16.09 -9.50 7.57
N ILE A 5 -16.01 -8.65 8.60
CA ILE A 5 -14.91 -7.70 8.78
C ILE A 5 -14.72 -6.91 7.49
N GLN A 6 -15.81 -6.31 7.01
CA GLN A 6 -15.82 -5.54 5.76
C GLN A 6 -15.69 -4.07 6.09
N LEU A 7 -14.79 -3.38 5.40
CA LEU A 7 -14.58 -1.94 5.55
C LEU A 7 -14.88 -1.26 4.23
N VAL A 8 -15.85 -0.35 4.24
CA VAL A 8 -16.31 0.34 3.04
C VAL A 8 -15.99 1.82 3.17
N GLN A 9 -15.30 2.36 2.16
CA GLN A 9 -14.93 3.77 2.12
C GLN A 9 -15.82 4.50 1.12
N SER A 10 -16.28 5.69 1.52
CA SER A 10 -17.09 6.54 0.66
C SER A 10 -16.75 7.99 0.94
N VAL A 11 -17.23 8.87 0.06
CA VAL A 11 -17.03 10.31 0.20
C VAL A 11 -18.38 10.95 0.49
N GLU A 12 -18.44 11.75 1.56
CA GLU A 12 -19.73 12.28 2.00
C GLU A 12 -20.21 13.39 1.09
N THR A 13 -19.30 14.23 0.61
CA THR A 13 -19.64 15.40 -0.19
C THR A 13 -18.98 15.28 -1.55
N GLY A 14 -19.80 15.34 -2.60
CA GLY A 14 -19.27 15.44 -3.96
C GLY A 14 -18.52 14.19 -4.35
N GLY A 15 -17.37 14.39 -4.99
CA GLY A 15 -16.52 13.28 -5.40
C GLY A 15 -15.10 13.43 -4.92
N GLY A 16 -14.21 12.56 -5.40
CA GLY A 16 -12.83 12.60 -4.98
C GLY A 16 -12.10 13.86 -5.40
N LEU A 17 -12.43 14.38 -6.58
CA LEU A 17 -11.78 15.59 -7.07
C LEU A 17 -12.16 16.79 -6.21
N VAL A 18 -11.16 17.60 -5.85
CA VAL A 18 -11.39 18.77 -5.00
C VAL A 18 -10.38 19.84 -5.40
N ARG A 19 -10.76 21.11 -5.19
CA ARG A 19 -9.83 22.17 -5.55
C ARG A 19 -8.90 22.47 -4.38
N PRO A 20 -7.70 23.01 -4.66
CA PRO A 20 -6.76 23.32 -3.57
C PRO A 20 -7.34 24.36 -2.62
N GLY A 21 -7.16 24.11 -1.32
CA GLY A 21 -7.70 24.96 -0.30
C GLY A 21 -9.10 24.61 0.15
N ASN A 22 -9.77 23.69 -0.54
CA ASN A 22 -11.10 23.25 -0.13
C ASN A 22 -11.00 22.11 0.89
N SER A 23 -12.15 21.74 1.44
CA SER A 23 -12.22 20.77 2.52
C SER A 23 -12.98 19.52 2.05
N LEU A 24 -12.42 18.35 2.36
CA LEU A 24 -13.00 17.07 1.97
C LEU A 24 -13.06 16.16 3.19
N LYS A 25 -14.17 15.47 3.37
CA LYS A 25 -14.40 14.58 4.50
C LYS A 25 -14.54 13.15 4.00
N LEU A 26 -13.67 12.27 4.49
CA LEU A 26 -13.68 10.86 4.13
C LEU A 26 -14.32 10.04 5.24
N SER A 27 -15.24 9.16 4.87
CA SER A 27 -15.98 8.33 5.81
C SER A 27 -15.72 6.86 5.51
N CYS A 28 -15.35 6.10 6.54
CA CYS A 28 -15.08 4.68 6.42
C CYS A 28 -15.99 3.93 7.39
N VAL A 29 -16.86 3.08 6.83
CA VAL A 29 -17.84 2.33 7.61
C VAL A 29 -17.38 0.89 7.71
N THR A 30 -17.45 0.32 8.90
CA THR A 30 -17.01 -1.04 9.16
C THR A 30 -18.21 -1.92 9.50
N SER A 31 -18.00 -3.23 9.37
CA SER A 31 -19.05 -4.20 9.66
C SER A 31 -18.40 -5.55 9.88
N GLY A 32 -19.15 -6.45 10.52
CA GLY A 32 -18.67 -7.79 10.79
C GLY A 32 -17.82 -7.94 12.03
N PHE A 33 -17.56 -6.86 12.76
CA PHE A 33 -16.81 -6.93 14.00
C PHE A 33 -17.22 -5.76 14.88
N THR A 34 -16.73 -5.77 16.12
CA THR A 34 -17.07 -4.74 17.09
C THR A 34 -16.16 -3.54 16.88
N PHE A 35 -16.74 -2.44 16.39
CA PHE A 35 -15.94 -1.28 15.99
C PHE A 35 -15.28 -0.63 17.20
N SER A 36 -15.94 -0.67 18.35
CA SER A 36 -15.44 0.05 19.51
C SER A 36 -14.22 -0.60 20.12
N ASN A 37 -13.95 -1.88 19.80
CA ASN A 37 -12.89 -2.60 20.50
C ASN A 37 -11.51 -2.26 19.95
N TYR A 38 -11.41 -1.84 18.69
CA TYR A 38 -10.13 -1.69 18.02
C TYR A 38 -9.90 -0.23 17.64
N GLN A 39 -8.63 0.09 17.43
CA GLN A 39 -8.24 1.42 16.98
C GLN A 39 -8.30 1.49 15.46
N MET A 40 -8.43 2.72 14.94
CA MET A 40 -8.60 2.96 13.53
C MET A 40 -7.54 3.92 13.01
N HIS A 41 -7.02 3.63 11.83
CA HIS A 41 -5.97 4.43 11.20
C HIS A 41 -6.44 4.88 9.81
N TRP A 42 -5.84 5.98 9.35
CA TRP A 42 -6.04 6.47 8.00
C TRP A 42 -4.68 6.50 7.28
N LEU A 43 -4.65 5.96 6.06
CA LEU A 43 -3.42 5.82 5.30
C LEU A 43 -3.70 6.25 3.86
N ARG A 44 -2.80 7.07 3.31
CA ARG A 44 -2.90 7.51 1.92
C ARG A 44 -1.70 7.02 1.14
N GLN A 45 -1.93 6.64 -0.11
CA GLN A 45 -0.87 6.14 -0.99
C GLN A 45 -0.78 7.03 -2.22
N PRO A 46 0.27 7.85 -2.35
CA PRO A 46 0.41 8.66 -3.55
C PRO A 46 0.69 7.80 -4.76
N PRO A 47 0.31 8.25 -5.95
CA PRO A 47 0.59 7.46 -7.15
C PRO A 47 2.09 7.28 -7.35
N GLY A 48 2.51 6.02 -7.47
CA GLY A 48 3.92 5.71 -7.66
C GLY A 48 4.79 6.02 -6.46
N LYS A 49 4.21 6.00 -5.26
CA LYS A 49 4.96 6.28 -4.04
C LYS A 49 4.61 5.25 -2.98
N ARG A 50 5.45 5.20 -1.95
CA ARG A 50 5.24 4.27 -0.85
C ARG A 50 4.08 4.72 0.03
N LEU A 51 3.46 3.75 0.69
CA LEU A 51 2.35 4.05 1.58
C LEU A 51 2.83 4.85 2.79
N GLU A 52 2.05 5.84 3.18
CA GLU A 52 2.41 6.72 4.29
C GLU A 52 1.25 6.80 5.28
N TRP A 53 1.58 6.68 6.56
CA TRP A 53 0.60 6.77 7.63
C TRP A 53 0.18 8.22 7.85
N ILE A 54 -1.08 8.42 8.19
CA ILE A 54 -1.66 9.76 8.35
C ILE A 54 -2.10 10.01 9.80
N ALA A 55 -2.99 9.16 10.31
CA ALA A 55 -3.55 9.42 11.63
C ALA A 55 -4.06 8.13 12.24
N VAL A 56 -4.34 8.20 13.55
CA VAL A 56 -4.89 7.08 14.30
C VAL A 56 -5.83 7.64 15.37
N ILE A 57 -6.89 6.89 15.67
CA ILE A 57 -7.79 7.21 16.76
C ILE A 57 -8.00 5.94 17.58
N THR A 58 -7.98 6.08 18.91
CA THR A 58 -8.04 4.93 19.81
C THR A 58 -9.48 4.71 20.29
N VAL A 59 -9.64 3.68 21.13
CA VAL A 59 -10.97 3.19 21.50
C VAL A 59 -11.59 4.06 22.58
N LYS A 60 -12.82 3.71 22.98
CA LYS A 60 -13.55 4.47 23.99
C LYS A 60 -12.97 4.31 25.39
N SER A 61 -12.27 3.20 25.67
CA SER A 61 -11.63 3.03 26.97
C SER A 61 -10.68 4.18 27.26
N ASP A 62 -9.82 4.51 26.29
CA ASP A 62 -9.08 5.76 26.35
C ASP A 62 -10.00 6.90 25.91
N ASN A 63 -9.63 8.12 26.29
CA ASN A 63 -10.50 9.27 26.03
C ASN A 63 -10.49 9.67 24.55
N TYR A 64 -10.66 8.68 23.66
CA TYR A 64 -10.70 8.90 22.22
C TYR A 64 -9.50 9.71 21.73
N GLY A 65 -8.32 9.40 22.29
CA GLY A 65 -7.11 10.08 21.87
C GLY A 65 -6.77 9.81 20.43
N ALA A 66 -5.99 10.72 19.85
CA ALA A 66 -5.60 10.61 18.45
C ALA A 66 -4.17 11.12 18.28
N ASN A 67 -3.53 10.66 17.22
CA ASN A 67 -2.20 11.11 16.85
C ASN A 67 -2.16 11.34 15.35
N TYR A 68 -1.47 12.40 14.93
CA TYR A 68 -1.34 12.76 13.53
C TYR A 68 0.14 12.87 13.16
N VAL A 69 0.41 12.87 11.86
CA VAL A 69 1.75 13.13 11.37
C VAL A 69 1.99 14.62 11.28
N GLU A 70 3.27 15.01 11.21
CA GLU A 70 3.63 16.42 11.27
C GLU A 70 3.07 17.21 10.10
N SER A 71 3.22 16.67 8.88
CA SER A 71 2.75 17.40 7.70
C SER A 71 1.24 17.63 7.73
N VAL A 72 0.52 16.79 8.46
CA VAL A 72 -0.94 16.81 8.46
C VAL A 72 -1.50 17.54 9.69
N LYS A 73 -0.70 17.71 10.75
CA LYS A 73 -1.15 18.39 11.96
C LYS A 73 -1.75 19.76 11.63
N GLY A 74 -2.85 20.08 12.30
CA GLY A 74 -3.51 21.35 12.13
C GLY A 74 -4.35 21.49 10.88
N ARG A 75 -4.48 20.43 10.08
CA ARG A 75 -5.27 20.50 8.85
C ARG A 75 -6.32 19.40 8.79
N PHE A 76 -5.99 18.21 9.29
CA PHE A 76 -6.91 17.09 9.32
C PHE A 76 -7.39 16.83 10.74
N ALA A 77 -8.55 16.19 10.84
CA ALA A 77 -9.12 15.79 12.12
C ALA A 77 -9.79 14.44 11.95
N ILE A 78 -9.35 13.45 12.71
CA ILE A 78 -9.91 12.10 12.68
C ILE A 78 -10.94 11.98 13.78
N SER A 79 -12.01 11.24 13.51
CA SER A 79 -13.10 11.07 14.47
C SER A 79 -13.75 9.72 14.25
N ARG A 80 -14.59 9.32 15.20
CA ARG A 80 -15.27 8.03 15.12
C ARG A 80 -16.61 8.11 15.83
N ASP A 81 -17.51 7.21 15.43
CA ASP A 81 -18.83 7.08 16.04
C ASP A 81 -19.05 5.60 16.31
N ASP A 82 -19.06 5.21 17.59
CA ASP A 82 -19.24 3.79 17.93
C ASP A 82 -20.62 3.29 17.52
N SER A 83 -21.66 4.08 17.75
CA SER A 83 -23.00 3.69 17.34
C SER A 83 -23.06 3.43 15.84
N LYS A 84 -22.63 4.41 15.05
CA LYS A 84 -22.58 4.23 13.60
C LYS A 84 -21.52 3.22 13.17
N SER A 85 -20.60 2.89 14.07
CA SER A 85 -19.51 1.94 13.80
C SER A 85 -18.72 2.37 12.54
N SER A 86 -18.36 3.65 12.50
CA SER A 86 -17.68 4.22 11.36
C SER A 86 -16.62 5.20 11.85
N VAL A 87 -15.54 5.30 11.06
CA VAL A 87 -14.45 6.23 11.33
C VAL A 87 -14.41 7.25 10.20
N TYR A 88 -14.08 8.50 10.54
CA TYR A 88 -14.12 9.59 9.59
C TYR A 88 -12.79 10.32 9.57
N LEU A 89 -12.51 10.97 8.44
CA LEU A 89 -11.33 11.80 8.26
C LEU A 89 -11.75 13.11 7.61
N GLU A 90 -11.62 14.21 8.33
CA GLU A 90 -11.96 15.53 7.82
C GLU A 90 -10.67 16.24 7.41
N MET A 91 -10.59 16.64 6.14
CA MET A 91 -9.38 17.19 5.56
C MET A 91 -9.64 18.63 5.14
N ASN A 92 -8.90 19.57 5.73
CA ASN A 92 -9.05 20.99 5.45
C ASN A 92 -7.76 21.55 4.87
N ARG A 93 -7.89 22.63 4.10
N ARG A 93 -7.90 22.65 4.12
CA ARG A 93 -6.75 23.32 3.49
CA ARG A 93 -6.78 23.33 3.47
C ARG A 93 -5.92 22.35 2.65
C ARG A 93 -5.94 22.34 2.66
N LEU A 94 -6.61 21.58 1.81
CA LEU A 94 -5.94 20.54 1.03
C LEU A 94 -4.97 21.14 0.04
N ARG A 95 -3.75 20.61 0.03
CA ARG A 95 -2.71 20.99 -0.92
C ARG A 95 -2.58 19.92 -1.99
N GLU A 96 -2.01 20.32 -3.13
CA GLU A 96 -1.83 19.40 -4.25
C GLU A 96 -0.97 18.20 -3.88
N GLU A 97 -0.14 18.32 -2.84
CA GLU A 97 0.64 17.17 -2.37
C GLU A 97 -0.27 16.05 -1.84
N ASP A 98 -1.47 16.40 -1.39
CA ASP A 98 -2.37 15.43 -0.76
C ASP A 98 -3.03 14.48 -1.76
N THR A 99 -2.75 14.61 -3.05
CA THR A 99 -3.33 13.71 -4.04
C THR A 99 -2.81 12.29 -3.81
N ALA A 100 -3.72 11.37 -3.53
CA ALA A 100 -3.37 9.99 -3.22
C ALA A 100 -4.65 9.16 -3.16
N THR A 101 -4.47 7.86 -2.94
CA THR A 101 -5.57 6.96 -2.62
C THR A 101 -5.55 6.71 -1.11
N TYR A 102 -6.63 7.07 -0.44
CA TYR A 102 -6.71 7.02 1.01
C TYR A 102 -7.33 5.70 1.47
N PHE A 103 -6.77 5.13 2.53
CA PHE A 103 -7.22 3.87 3.10
C PHE A 103 -7.52 4.03 4.57
N CYS A 104 -8.56 3.35 5.04
CA CYS A 104 -8.79 3.15 6.46
C CYS A 104 -8.41 1.73 6.83
N SER A 105 -7.80 1.57 7.99
CA SER A 105 -7.31 0.26 8.43
C SER A 105 -7.59 0.09 9.90
N ARG A 106 -7.65 -1.18 10.32
CA ARG A 106 -7.88 -1.56 11.71
C ARG A 106 -6.64 -2.25 12.26
N SER A 107 -6.29 -1.94 13.50
CA SER A 107 -5.18 -2.57 14.19
C SER A 107 -5.67 -3.19 15.49
N GLY A 108 -5.37 -4.46 15.69
CA GLY A 108 -5.79 -5.17 16.88
C GLY A 108 -4.66 -5.53 17.80
N ILE A 109 -4.72 -6.73 18.38
CA ILE A 109 -3.73 -7.21 19.33
C ILE A 109 -2.98 -8.36 18.67
N TYR A 110 -1.64 -8.30 18.74
CA TYR A 110 -0.77 -9.25 18.05
C TYR A 110 0.13 -9.92 19.08
N ASP A 111 -0.03 -11.24 19.24
CA ASP A 111 0.70 -12.02 20.22
C ASP A 111 0.52 -11.46 21.63
N GLY A 112 -0.67 -10.95 21.91
CA GLY A 112 -1.01 -10.46 23.22
C GLY A 112 -0.62 -9.03 23.53
N TYR A 113 -0.17 -8.27 22.53
CA TYR A 113 0.27 -6.90 22.77
C TYR A 113 -0.27 -5.99 21.68
N TYR A 114 -0.61 -4.76 22.06
CA TYR A 114 -1.09 -3.78 21.11
C TYR A 114 0.04 -3.34 20.19
N ALA A 115 -0.17 -3.49 18.88
CA ALA A 115 0.79 -3.02 17.89
C ALA A 115 0.02 -2.41 16.73
N TYR A 116 0.70 -1.57 15.96
CA TYR A 116 0.07 -0.87 14.85
C TYR A 116 0.33 -1.57 13.51
N ALA A 117 0.27 -2.90 13.50
CA ALA A 117 0.12 -3.63 12.26
C ALA A 117 -1.35 -3.60 11.84
N MET A 118 -1.59 -3.51 10.54
CA MET A 118 -2.94 -3.27 10.03
C MET A 118 -3.61 -4.61 9.74
N ASP A 119 -4.62 -4.96 10.54
CA ASP A 119 -5.40 -6.17 10.36
C ASP A 119 -6.12 -6.16 9.01
N TYR A 120 -7.11 -5.28 8.89
CA TYR A 120 -7.95 -5.21 7.71
C TYR A 120 -7.97 -3.79 7.16
N TRP A 121 -8.30 -3.68 5.88
CA TRP A 121 -8.22 -2.41 5.17
C TRP A 121 -9.52 -2.13 4.43
N GLY A 122 -9.74 -0.85 4.13
CA GLY A 122 -10.80 -0.48 3.22
C GLY A 122 -10.34 -0.56 1.77
N GLN A 123 -11.30 -0.46 0.85
CA GLN A 123 -10.98 -0.59 -0.57
C GLN A 123 -10.22 0.62 -1.10
N GLY A 124 -10.29 1.76 -0.42
CA GLY A 124 -9.57 2.94 -0.86
C GLY A 124 -10.36 3.84 -1.77
N THR A 125 -10.23 5.15 -1.59
CA THR A 125 -10.86 6.14 -2.45
C THR A 125 -9.79 7.04 -3.03
N SER A 126 -9.84 7.25 -4.35
CA SER A 126 -8.86 8.09 -5.03
C SER A 126 -9.22 9.55 -4.81
N VAL A 127 -8.28 10.32 -4.27
CA VAL A 127 -8.48 11.74 -3.99
C VAL A 127 -7.45 12.53 -4.78
N THR A 128 -7.94 13.40 -5.68
CA THR A 128 -7.09 14.25 -6.49
C THR A 128 -7.46 15.71 -6.22
N VAL A 129 -6.45 16.55 -6.03
CA VAL A 129 -6.65 17.97 -5.77
C VAL A 129 -5.83 18.75 -6.79
N SER A 130 -6.53 19.55 -7.60
CA SER A 130 -5.88 20.31 -8.66
C SER A 130 -6.76 21.47 -9.07
N SER A 131 -6.16 22.42 -9.78
CA SER A 131 -6.89 23.57 -10.29
C SER A 131 -7.59 23.29 -11.61
N ALA A 132 -7.36 22.12 -12.20
CA ALA A 132 -8.00 21.78 -13.47
C ALA A 132 -9.49 21.56 -13.29
N THR A 133 -10.23 21.74 -14.39
CA THR A 133 -11.68 21.58 -14.39
C THR A 133 -12.09 20.31 -15.12
N THR A 134 -13.35 19.93 -14.92
CA THR A 134 -13.87 18.71 -15.52
C THR A 134 -14.09 18.89 -17.01
N LYS A 135 -13.62 17.93 -17.80
CA LYS A 135 -13.75 17.96 -19.25
C LYS A 135 -13.99 16.55 -19.76
N GLY A 136 -14.91 16.44 -20.73
CA GLY A 136 -15.23 15.16 -21.33
C GLY A 136 -14.24 14.76 -22.41
N PRO A 137 -14.11 13.45 -22.63
CA PRO A 137 -13.13 12.97 -23.60
C PRO A 137 -13.61 13.02 -25.04
N SER A 138 -12.65 13.00 -25.94
CA SER A 138 -12.89 12.84 -27.38
C SER A 138 -12.43 11.46 -27.81
N VAL A 139 -13.33 10.69 -28.41
CA VAL A 139 -13.03 9.32 -28.83
C VAL A 139 -12.69 9.33 -30.32
N TYR A 140 -11.56 8.72 -30.66
CA TYR A 140 -11.08 8.69 -32.03
C TYR A 140 -10.76 7.26 -32.44
N PRO A 141 -11.31 6.78 -33.55
CA PRO A 141 -11.01 5.41 -33.99
C PRO A 141 -9.59 5.30 -34.52
N LEU A 142 -9.04 4.10 -34.41
CA LEU A 142 -7.70 3.78 -34.92
C LEU A 142 -7.80 2.56 -35.81
N ALA A 143 -7.68 2.76 -37.11
CA ALA A 143 -7.78 1.71 -38.11
C ALA A 143 -6.47 1.61 -38.89
N PRO A 144 -6.17 0.44 -39.45
CA PRO A 144 -4.92 0.31 -40.23
C PRO A 144 -4.93 1.13 -41.50
N GLY A 145 -6.03 1.12 -42.25
CA GLY A 145 -6.12 1.84 -43.49
C GLY A 145 -5.67 1.07 -44.72
N SER A 146 -5.41 -0.24 -44.58
CA SER A 146 -4.99 -1.09 -45.68
C SER A 146 -3.71 -0.61 -46.34
N ALA A 147 -2.88 0.11 -45.60
CA ALA A 147 -1.57 0.55 -46.07
C ALA A 147 -0.45 -0.40 -45.66
N ALA A 148 -0.78 -1.49 -44.96
CA ALA A 148 0.20 -2.47 -44.52
C ALA A 148 -0.34 -3.87 -44.78
N GLN A 149 0.57 -4.82 -44.82
CA GLN A 149 0.20 -6.21 -45.06
C GLN A 149 -0.65 -6.74 -43.91
N THR A 150 -1.68 -7.52 -44.26
CA THR A 150 -2.53 -8.13 -43.25
C THR A 150 -2.04 -9.55 -42.95
N ASN A 151 -1.93 -9.86 -41.67
CA ASN A 151 -1.46 -11.17 -41.23
C ASN A 151 -2.65 -11.99 -40.76
N SER A 152 -2.40 -12.98 -39.88
CA SER A 152 -3.51 -13.77 -39.35
C SER A 152 -4.32 -13.00 -38.32
N MET A 153 -3.68 -12.07 -37.60
CA MET A 153 -4.34 -11.26 -36.59
C MET A 153 -4.20 -9.79 -36.96
N VAL A 154 -5.27 -9.03 -36.74
CA VAL A 154 -5.29 -7.59 -37.03
C VAL A 154 -5.52 -6.85 -35.71
N THR A 155 -4.74 -5.79 -35.51
CA THR A 155 -4.79 -5.01 -34.28
C THR A 155 -5.52 -3.69 -34.54
N LEU A 156 -6.64 -3.50 -33.84
CA LEU A 156 -7.39 -2.26 -33.89
C LEU A 156 -7.11 -1.44 -32.63
N GLY A 157 -7.52 -0.18 -32.66
CA GLY A 157 -7.21 0.72 -31.56
C GLY A 157 -8.29 1.76 -31.33
N CYS A 158 -8.25 2.34 -30.13
CA CYS A 158 -9.16 3.37 -29.71
C CYS A 158 -8.39 4.41 -28.92
N LEU A 159 -8.65 5.69 -29.20
CA LEU A 159 -7.92 6.78 -28.57
C LEU A 159 -8.91 7.75 -27.94
N VAL A 160 -8.81 7.92 -26.62
CA VAL A 160 -9.56 8.94 -25.88
C VAL A 160 -8.58 10.05 -25.51
N LYS A 161 -9.03 11.29 -25.64
CA LYS A 161 -8.12 12.43 -25.52
C LYS A 161 -8.84 13.61 -24.87
N GLY A 162 -8.13 14.31 -23.99
CA GLY A 162 -8.64 15.53 -23.38
C GLY A 162 -9.81 15.33 -22.44
N TYR A 163 -9.60 14.57 -21.37
CA TYR A 163 -10.61 14.38 -20.34
C TYR A 163 -10.00 14.60 -18.97
N PHE A 164 -10.86 14.99 -18.02
CA PHE A 164 -10.44 15.23 -16.65
C PHE A 164 -11.68 15.23 -15.77
N PRO A 165 -11.64 14.63 -14.58
CA PRO A 165 -10.48 13.87 -14.08
C PRO A 165 -10.57 12.39 -14.37
N GLU A 166 -9.66 11.61 -13.78
CA GLU A 166 -9.75 10.16 -13.84
C GLU A 166 -10.98 9.68 -13.08
N PRO A 167 -11.51 8.50 -13.41
CA PRO A 167 -11.09 7.59 -14.48
C PRO A 167 -12.08 7.50 -15.63
N VAL A 168 -11.79 6.61 -16.59
CA VAL A 168 -12.71 6.28 -17.67
C VAL A 168 -12.82 4.76 -17.75
N THR A 169 -13.85 4.30 -18.45
CA THR A 169 -14.13 2.88 -18.62
C THR A 169 -14.08 2.56 -20.11
N VAL A 170 -13.16 1.67 -20.49
CA VAL A 170 -12.95 1.29 -21.89
C VAL A 170 -13.27 -0.19 -22.03
N THR A 171 -14.25 -0.51 -22.86
CA THR A 171 -14.60 -1.89 -23.19
C THR A 171 -14.77 -2.01 -24.70
N TRP A 172 -14.81 -3.26 -25.17
CA TRP A 172 -14.95 -3.56 -26.59
C TRP A 172 -16.15 -4.47 -26.79
N ASN A 173 -17.07 -4.04 -27.66
CA ASN A 173 -18.30 -4.77 -27.94
C ASN A 173 -19.08 -5.05 -26.65
N SER A 174 -19.19 -4.02 -25.82
CA SER A 174 -19.93 -4.09 -24.56
C SER A 174 -19.37 -5.17 -23.63
N GLY A 175 -18.05 -5.38 -23.66
CA GLY A 175 -17.40 -6.33 -22.79
C GLY A 175 -17.37 -7.75 -23.30
N SER A 176 -18.12 -8.07 -24.35
CA SER A 176 -18.10 -9.43 -24.90
C SER A 176 -16.74 -9.77 -25.49
N LEU A 177 -16.00 -8.77 -25.97
CA LEU A 177 -14.66 -8.96 -26.52
C LEU A 177 -13.67 -8.53 -25.45
N SER A 178 -13.14 -9.50 -24.70
CA SER A 178 -12.13 -9.22 -23.69
C SER A 178 -10.80 -9.89 -23.97
N SER A 179 -10.74 -10.84 -24.90
CA SER A 179 -9.50 -11.53 -25.20
C SER A 179 -8.59 -10.65 -26.05
N GLY A 180 -7.32 -10.55 -25.67
CA GLY A 180 -6.34 -9.79 -26.42
C GLY A 180 -6.63 -8.31 -26.43
N VAL A 181 -6.94 -7.75 -25.26
CA VAL A 181 -7.27 -6.34 -25.12
C VAL A 181 -6.26 -5.70 -24.17
N HIS A 182 -5.70 -4.56 -24.60
CA HIS A 182 -4.77 -3.79 -23.78
C HIS A 182 -5.27 -2.36 -23.68
N THR A 183 -5.55 -1.91 -22.46
CA THR A 183 -5.91 -0.53 -22.18
C THR A 183 -4.77 0.08 -21.38
N PHE A 184 -4.10 1.07 -21.97
CA PHE A 184 -2.87 1.60 -21.41
C PHE A 184 -3.17 2.66 -20.35
N PRO A 185 -2.31 2.79 -19.34
CA PRO A 185 -2.51 3.83 -18.32
C PRO A 185 -2.48 5.22 -18.93
N ALA A 186 -3.31 6.10 -18.38
CA ALA A 186 -3.43 7.44 -18.93
C ALA A 186 -2.21 8.29 -18.61
N VAL A 187 -1.99 9.31 -19.44
CA VAL A 187 -0.89 10.26 -19.29
C VAL A 187 -1.48 11.65 -19.12
N LEU A 188 -0.93 12.42 -18.18
CA LEU A 188 -1.42 13.75 -17.84
C LEU A 188 -0.47 14.79 -18.42
N GLN A 189 -0.98 15.64 -19.30
CA GLN A 189 -0.22 16.76 -19.84
C GLN A 189 -1.15 17.97 -19.95
N SER A 190 -0.69 19.10 -19.43
CA SER A 190 -1.45 20.35 -19.46
C SER A 190 -2.82 20.19 -18.81
N ASP A 191 -2.86 19.49 -17.67
CA ASP A 191 -4.08 19.25 -16.92
C ASP A 191 -5.13 18.53 -17.77
N LEU A 192 -4.69 17.55 -18.56
CA LEU A 192 -5.59 16.78 -19.39
C LEU A 192 -5.08 15.34 -19.48
N TYR A 193 -6.00 14.40 -19.40
CA TYR A 193 -5.67 12.97 -19.46
C TYR A 193 -5.97 12.42 -20.85
N THR A 194 -5.07 11.57 -21.33
CA THR A 194 -5.18 10.97 -22.65
C THR A 194 -4.67 9.54 -22.57
N LEU A 195 -5.50 8.57 -22.97
CA LEU A 195 -5.08 7.18 -23.00
C LEU A 195 -5.57 6.53 -24.29
N SER A 196 -5.01 5.37 -24.59
CA SER A 196 -5.38 4.59 -25.75
C SER A 196 -5.60 3.14 -25.35
N SER A 197 -6.36 2.42 -26.18
CA SER A 197 -6.65 1.02 -25.93
C SER A 197 -6.57 0.24 -27.24
N SER A 198 -5.84 -0.86 -27.23
CA SER A 198 -5.69 -1.72 -28.40
C SER A 198 -6.51 -2.99 -28.23
N VAL A 199 -6.91 -3.57 -29.34
CA VAL A 199 -7.60 -4.85 -29.36
C VAL A 199 -7.12 -5.63 -30.58
N THR A 200 -6.76 -6.89 -30.37
CA THR A 200 -6.28 -7.76 -31.43
C THR A 200 -7.30 -8.85 -31.69
N VAL A 201 -7.79 -8.92 -32.92
CA VAL A 201 -8.78 -9.92 -33.31
C VAL A 201 -8.25 -10.66 -34.53
N PRO A 202 -8.80 -11.84 -34.82
CA PRO A 202 -8.42 -12.54 -36.05
C PRO A 202 -8.71 -11.69 -37.28
N SER A 203 -7.83 -11.80 -38.27
CA SER A 203 -7.97 -11.00 -39.49
C SER A 203 -9.24 -11.36 -40.26
N SER A 204 -9.76 -12.57 -40.08
CA SER A 204 -11.01 -12.93 -40.74
C SER A 204 -12.22 -12.29 -40.07
N THR A 205 -12.11 -11.94 -38.79
CA THR A 205 -13.25 -11.40 -38.07
C THR A 205 -13.51 -9.92 -38.39
N TRP A 206 -12.47 -9.18 -38.77
CA TRP A 206 -12.61 -7.76 -39.08
C TRP A 206 -11.98 -7.48 -40.44
N PRO A 207 -12.61 -6.64 -41.28
CA PRO A 207 -13.84 -5.88 -41.05
C PRO A 207 -15.11 -6.68 -41.31
N SER A 208 -14.99 -8.02 -41.31
CA SER A 208 -16.15 -8.87 -41.53
C SER A 208 -17.23 -8.62 -40.48
N GLN A 209 -16.83 -8.61 -39.21
CA GLN A 209 -17.76 -8.37 -38.11
C GLN A 209 -17.52 -6.99 -37.50
N THR A 210 -18.53 -6.51 -36.78
CA THR A 210 -18.47 -5.18 -36.19
C THR A 210 -17.60 -5.18 -34.95
N VAL A 211 -16.77 -4.13 -34.82
CA VAL A 211 -15.90 -3.94 -33.66
C VAL A 211 -16.11 -2.52 -33.17
N THR A 212 -16.69 -2.37 -31.98
CA THR A 212 -17.01 -1.07 -31.42
C THR A 212 -16.23 -0.84 -30.13
N CYS A 213 -15.85 0.41 -29.91
CA CYS A 213 -15.11 0.84 -28.73
C CYS A 213 -16.04 1.66 -27.84
N ASN A 214 -16.19 1.23 -26.59
CA ASN A 214 -17.12 1.86 -25.65
C ASN A 214 -16.31 2.59 -24.58
N VAL A 215 -16.51 3.91 -24.49
CA VAL A 215 -15.81 4.75 -23.53
C VAL A 215 -16.84 5.45 -22.65
N ALA A 216 -16.61 5.42 -21.34
CA ALA A 216 -17.50 6.05 -20.37
C ALA A 216 -16.67 6.92 -19.43
N HIS A 217 -17.08 8.17 -19.27
CA HIS A 217 -16.44 9.11 -18.36
C HIS A 217 -17.52 9.72 -17.47
N PRO A 218 -17.72 9.17 -16.27
CA PRO A 218 -18.88 9.58 -15.46
C PRO A 218 -18.81 11.03 -14.99
N ALA A 219 -17.61 11.57 -14.75
CA ALA A 219 -17.51 12.93 -14.22
C ALA A 219 -18.13 13.95 -15.16
N SER A 220 -18.07 13.70 -16.47
CA SER A 220 -18.65 14.59 -17.47
C SER A 220 -19.94 14.04 -18.06
N SER A 221 -20.46 12.94 -17.52
CA SER A 221 -21.67 12.29 -18.05
C SER A 221 -21.51 11.95 -19.53
N THR A 222 -20.40 11.26 -19.85
CA THR A 222 -20.01 10.97 -21.22
C THR A 222 -20.02 9.47 -21.45
N LYS A 223 -20.90 9.01 -22.35
CA LYS A 223 -20.93 7.63 -22.79
C LYS A 223 -20.91 7.64 -24.32
N VAL A 224 -19.81 7.16 -24.91
CA VAL A 224 -19.59 7.24 -26.34
C VAL A 224 -19.25 5.85 -26.85
N ASP A 225 -19.89 5.44 -27.95
CA ASP A 225 -19.56 4.21 -28.66
C ASP A 225 -19.07 4.59 -30.06
N LYS A 226 -17.87 4.17 -30.40
CA LYS A 226 -17.25 4.49 -31.69
C LYS A 226 -16.95 3.21 -32.44
N LYS A 227 -17.58 3.05 -33.60
CA LYS A 227 -17.34 1.88 -34.43
C LYS A 227 -16.08 2.08 -35.27
N ILE A 228 -15.20 1.07 -35.28
CA ILE A 228 -13.96 1.13 -36.04
C ILE A 228 -14.23 0.61 -37.45
N VAL A 229 -14.02 1.47 -38.44
CA VAL A 229 -14.25 1.10 -39.84
C VAL A 229 -12.94 1.28 -40.60
N PRO A 230 -12.74 0.56 -41.70
CA PRO A 230 -11.50 0.73 -42.48
C PRO A 230 -11.45 2.09 -43.15
N ARG A 231 -10.24 2.63 -43.25
CA ARG A 231 -10.02 3.93 -43.87
C ARG A 231 -10.07 3.80 -45.39
N ASP A 232 -10.65 4.80 -46.05
CA ASP A 232 -10.78 4.81 -47.50
C ASP A 232 -10.35 6.15 -48.07
N CYS A 233 -10.09 6.15 -49.37
CA CYS A 233 -9.72 7.37 -50.09
C CYS A 233 -10.24 7.33 -51.52
N GLY B 3 15.05 12.09 11.07
CA GLY B 3 14.64 11.59 12.37
C GLY B 3 13.58 10.51 12.29
N SER B 4 13.15 10.20 11.08
CA SER B 4 12.14 9.19 10.82
C SER B 4 12.78 7.97 10.20
N VAL B 5 12.50 6.79 10.77
CA VAL B 5 13.00 5.55 10.23
C VAL B 5 12.44 5.33 8.83
N VAL B 6 13.31 5.03 7.88
CA VAL B 6 12.90 4.71 6.51
C VAL B 6 13.16 3.23 6.26
N MET B 7 12.26 2.59 5.53
CA MET B 7 12.37 1.18 5.16
C MET B 7 12.63 1.12 3.66
N THR B 8 13.81 0.67 3.28
CA THR B 8 14.22 0.60 1.88
C THR B 8 14.36 -0.85 1.46
N GLN B 9 13.82 -1.19 0.29
CA GLN B 9 13.93 -2.52 -0.28
C GLN B 9 14.86 -2.44 -1.48
N SER B 10 15.92 -3.24 -1.46
CA SER B 10 16.98 -3.11 -2.46
C SER B 10 16.50 -3.49 -3.85
N GLN B 11 15.64 -4.49 -3.96
CA GLN B 11 15.15 -4.97 -5.25
C GLN B 11 13.73 -4.44 -5.47
N LYS B 12 13.60 -3.51 -6.42
CA LYS B 12 12.28 -3.00 -6.76
C LYS B 12 11.46 -4.03 -7.53
N PHE B 13 12.13 -4.88 -8.31
CA PHE B 13 11.49 -5.93 -9.09
C PHE B 13 12.26 -7.22 -8.92
N MET B 14 11.54 -8.34 -8.86
CA MET B 14 12.15 -9.66 -8.75
C MET B 14 11.42 -10.63 -9.67
N SER B 15 12.19 -11.29 -10.54
CA SER B 15 11.65 -12.27 -11.48
C SER B 15 11.81 -13.66 -10.88
N THR B 16 10.73 -14.44 -10.91
CA THR B 16 10.72 -15.78 -10.35
C THR B 16 9.87 -16.68 -11.22
N SER B 17 9.87 -17.97 -10.89
CA SER B 17 9.06 -18.97 -11.56
C SER B 17 8.21 -19.70 -10.53
N VAL B 18 7.17 -20.38 -11.03
CA VAL B 18 6.28 -21.12 -10.14
C VAL B 18 7.04 -22.28 -9.50
N GLY B 19 6.90 -22.42 -8.18
CA GLY B 19 7.60 -23.44 -7.45
C GLY B 19 8.98 -23.04 -6.96
N ASP B 20 9.47 -21.86 -7.33
CA ASP B 20 10.79 -21.42 -6.92
C ASP B 20 10.74 -20.79 -5.51
N ARG B 21 11.92 -20.54 -4.98
CA ARG B 21 12.07 -19.85 -3.70
C ARG B 21 12.51 -18.42 -3.96
N VAL B 22 11.91 -17.48 -3.23
CA VAL B 22 12.21 -16.06 -3.40
C VAL B 22 12.27 -15.41 -2.02
N SER B 23 13.27 -14.57 -1.81
CA SER B 23 13.45 -13.83 -0.56
C SER B 23 13.45 -12.34 -0.87
N ILE B 24 12.71 -11.58 -0.08
CA ILE B 24 12.61 -10.13 -0.23
C ILE B 24 13.16 -9.49 1.02
N THR B 25 14.19 -8.67 0.87
CA THR B 25 14.90 -8.08 1.99
C THR B 25 14.41 -6.67 2.28
N CYS B 26 14.27 -6.36 3.57
CA CYS B 26 13.85 -5.04 4.03
C CYS B 26 14.96 -4.46 4.90
N LYS B 27 15.34 -3.22 4.60
CA LYS B 27 16.42 -2.54 5.31
C LYS B 27 15.86 -1.32 6.03
N ALA B 28 16.17 -1.20 7.32
CA ALA B 28 15.70 -0.09 8.14
C ALA B 28 16.86 0.86 8.44
N SER B 29 16.58 2.16 8.37
CA SER B 29 17.60 3.16 8.65
C SER B 29 18.02 3.16 10.12
N GLN B 30 17.18 2.67 11.02
CA GLN B 30 17.50 2.59 12.43
C GLN B 30 17.04 1.23 12.96
N ILE B 31 17.55 0.87 14.14
CA ILE B 31 17.23 -0.42 14.73
C ILE B 31 15.78 -0.41 15.20
N VAL B 32 14.97 -1.33 14.68
CA VAL B 32 13.57 -1.44 15.03
C VAL B 32 13.25 -2.78 15.70
N GLY B 33 14.27 -3.58 15.98
CA GLY B 33 14.09 -4.81 16.73
C GLY B 33 13.21 -5.85 16.05
N THR B 34 12.03 -6.09 16.62
CA THR B 34 11.09 -7.08 16.11
C THR B 34 9.80 -6.45 15.63
N SER B 35 9.67 -5.13 15.73
CA SER B 35 8.42 -4.43 15.42
C SER B 35 8.32 -4.15 13.92
N VAL B 36 8.14 -5.23 13.16
CA VAL B 36 8.12 -5.15 11.70
C VAL B 36 7.03 -6.08 11.17
N ALA B 37 6.26 -5.57 10.20
CA ALA B 37 5.23 -6.34 9.52
C ALA B 37 5.49 -6.36 8.02
N TRP B 38 4.89 -7.34 7.35
CA TRP B 38 4.96 -7.47 5.90
C TRP B 38 3.55 -7.50 5.34
N TYR B 39 3.36 -6.88 4.17
CA TYR B 39 2.06 -6.80 3.52
C TYR B 39 2.16 -7.25 2.07
N GLN B 40 1.01 -7.52 1.48
CA GLN B 40 0.89 -7.90 0.08
C GLN B 40 -0.19 -7.03 -0.57
N GLN B 41 0.10 -6.55 -1.78
CA GLN B 41 -0.82 -5.66 -2.47
C GLN B 41 -0.84 -5.99 -3.96
N LYS B 42 -2.03 -6.07 -4.54
CA LYS B 42 -2.21 -6.39 -5.95
C LYS B 42 -2.93 -5.25 -6.65
N ALA B 43 -2.31 -4.74 -7.73
CA ALA B 43 -2.95 -3.78 -8.63
C ALA B 43 -3.50 -2.57 -7.89
N GLY B 44 -2.74 -2.07 -6.92
CA GLY B 44 -3.18 -0.93 -6.14
C GLY B 44 -4.40 -1.16 -5.28
N GLN B 45 -4.85 -2.40 -5.10
CA GLN B 45 -6.01 -2.67 -4.25
C GLN B 45 -5.60 -2.58 -2.78
N SER B 46 -6.48 -3.02 -1.88
CA SER B 46 -6.20 -2.93 -0.46
C SER B 46 -5.10 -3.91 -0.07
N PRO B 47 -4.13 -3.47 0.73
CA PRO B 47 -3.08 -4.40 1.19
C PRO B 47 -3.64 -5.48 2.10
N LYS B 48 -2.87 -6.56 2.23
CA LYS B 48 -3.22 -7.68 3.08
C LYS B 48 -2.04 -8.00 3.99
N LEU B 49 -2.29 -8.03 5.30
CA LEU B 49 -1.23 -8.31 6.25
C LEU B 49 -0.76 -9.75 6.12
N LEU B 50 0.56 -9.93 6.10
CA LEU B 50 1.17 -11.25 5.96
C LEU B 50 1.77 -11.76 7.27
N ILE B 51 2.71 -11.01 7.85
CA ILE B 51 3.30 -11.38 9.12
C ILE B 51 3.36 -10.15 10.01
N TYR B 52 3.45 -10.38 11.32
CA TYR B 52 3.69 -9.32 12.28
C TYR B 52 4.71 -9.81 13.30
N TRP B 53 5.28 -8.86 14.04
CA TRP B 53 6.39 -9.13 14.96
C TRP B 53 7.49 -9.90 14.25
N ALA B 54 7.84 -9.42 13.04
CA ALA B 54 8.97 -9.89 12.25
C ALA B 54 8.81 -11.32 11.74
N SER B 55 8.17 -12.21 12.49
CA SER B 55 8.14 -13.61 12.09
C SER B 55 6.85 -14.35 12.42
N THR B 56 5.82 -13.66 12.91
CA THR B 56 4.58 -14.33 13.27
C THR B 56 3.61 -14.24 12.10
N ARG B 57 3.34 -15.38 11.47
CA ARG B 57 2.46 -15.43 10.31
C ARG B 57 1.02 -15.14 10.71
N HIS B 58 0.33 -14.38 9.86
CA HIS B 58 -1.08 -14.07 10.10
C HIS B 58 -1.93 -15.31 9.85
N THR B 59 -3.10 -15.34 10.51
CA THR B 59 -3.93 -16.54 10.47
C THR B 59 -4.36 -16.89 9.06
N GLY B 60 -4.78 -15.91 8.27
CA GLY B 60 -5.22 -16.19 6.91
C GLY B 60 -4.09 -16.58 5.98
N VAL B 61 -2.88 -16.16 6.31
CA VAL B 61 -1.75 -16.29 5.38
C VAL B 61 -1.39 -17.76 5.20
N PRO B 62 -1.09 -18.22 3.98
CA PRO B 62 -0.79 -19.64 3.77
C PRO B 62 0.58 -20.01 4.31
N ASP B 63 0.85 -21.32 4.29
CA ASP B 63 2.08 -21.85 4.84
C ASP B 63 3.30 -21.47 4.00
N ARG B 64 3.09 -21.06 2.75
CA ARG B 64 4.22 -20.80 1.87
C ARG B 64 5.03 -19.60 2.35
N PHE B 65 4.36 -18.61 2.93
CA PHE B 65 5.02 -17.39 3.36
C PHE B 65 5.68 -17.58 4.72
N THR B 66 6.97 -17.27 4.81
CA THR B 66 7.72 -17.28 6.06
C THR B 66 8.61 -16.06 6.10
N ALA B 67 8.70 -15.43 7.27
CA ALA B 67 9.48 -14.22 7.44
C ALA B 67 10.40 -14.36 8.65
N GLY B 68 11.36 -13.44 8.74
CA GLY B 68 12.30 -13.45 9.84
C GLY B 68 13.18 -12.21 9.80
N GLY B 69 13.99 -12.07 10.84
CA GLY B 69 14.92 -10.96 10.93
C GLY B 69 14.88 -10.23 12.26
N SER B 70 15.91 -9.45 12.54
CA SER B 70 15.98 -8.65 13.75
C SER B 70 17.00 -7.53 13.55
N GLY B 71 16.81 -6.45 14.30
CA GLY B 71 17.66 -5.28 14.17
C GLY B 71 17.24 -4.38 13.03
N THR B 72 18.05 -4.33 11.97
CA THR B 72 17.75 -3.52 10.80
C THR B 72 17.56 -4.32 9.53
N ASP B 73 17.74 -5.64 9.59
CA ASP B 73 17.65 -6.52 8.42
C ASP B 73 16.50 -7.49 8.62
N PHE B 74 15.52 -7.46 7.71
CA PHE B 74 14.36 -8.34 7.75
C PHE B 74 14.13 -8.89 6.35
N THR B 75 13.92 -10.20 6.25
CA THR B 75 13.69 -10.85 4.97
C THR B 75 12.38 -11.62 5.01
N LEU B 76 11.65 -11.59 3.90
CA LEU B 76 10.43 -12.36 3.72
C LEU B 76 10.66 -13.35 2.59
N THR B 77 10.44 -14.64 2.87
CA THR B 77 10.68 -15.70 1.91
C THR B 77 9.37 -16.38 1.53
N ILE B 78 9.24 -16.75 0.25
CA ILE B 78 8.09 -17.48 -0.26
C ILE B 78 8.59 -18.77 -0.89
N THR B 79 8.03 -19.89 -0.46
CA THR B 79 8.41 -21.21 -0.96
C THR B 79 7.29 -21.80 -1.79
N ASN B 80 7.65 -22.48 -2.88
CA ASN B 80 6.69 -23.03 -3.83
C ASN B 80 5.72 -21.94 -4.30
N VAL B 81 6.30 -20.91 -4.91
CA VAL B 81 5.53 -19.73 -5.30
C VAL B 81 4.48 -20.12 -6.34
N GLN B 82 3.26 -19.64 -6.13
CA GLN B 82 2.15 -19.89 -7.05
C GLN B 82 1.88 -18.65 -7.89
N SER B 83 1.02 -18.82 -8.89
CA SER B 83 0.65 -17.69 -9.74
C SER B 83 -0.07 -16.61 -8.94
N GLU B 84 -0.85 -17.01 -7.94
CA GLU B 84 -1.55 -16.04 -7.10
C GLU B 84 -0.60 -15.27 -6.18
N ASP B 85 0.64 -15.71 -6.02
CA ASP B 85 1.61 -15.01 -5.19
C ASP B 85 2.28 -13.84 -5.91
N LEU B 86 2.08 -13.71 -7.21
CA LEU B 86 2.64 -12.59 -7.97
C LEU B 86 1.93 -11.31 -7.57
N ALA B 87 2.61 -10.46 -6.82
CA ALA B 87 2.02 -9.24 -6.28
C ALA B 87 3.14 -8.32 -5.82
N ASP B 88 2.75 -7.26 -5.12
CA ASP B 88 3.70 -6.35 -4.49
C ASP B 88 3.83 -6.69 -3.00
N TYR B 89 5.03 -6.54 -2.47
CA TYR B 89 5.32 -6.83 -1.07
C TYR B 89 6.12 -5.68 -0.49
N PHE B 90 5.71 -5.20 0.69
CA PHE B 90 6.41 -4.12 1.36
C PHE B 90 6.38 -4.34 2.85
N CYS B 91 7.41 -3.85 3.53
CA CYS B 91 7.53 -3.96 4.97
C CYS B 91 7.00 -2.70 5.65
N GLN B 92 6.88 -2.77 6.97
CA GLN B 92 6.42 -1.66 7.79
C GLN B 92 7.01 -1.81 9.18
N GLN B 93 7.37 -0.69 9.79
CA GLN B 93 7.80 -0.67 11.19
C GLN B 93 6.76 0.08 12.01
N TYR B 94 6.49 -0.42 13.21
CA TYR B 94 5.60 0.22 14.15
C TYR B 94 6.27 0.45 15.50
N ALA B 95 7.60 0.52 15.53
CA ALA B 95 8.33 0.73 16.77
C ALA B 95 8.33 2.19 17.19
N THR B 96 8.22 3.12 16.24
CA THR B 96 8.27 4.53 16.56
C THR B 96 7.37 5.30 15.60
N TYR B 97 6.88 6.45 16.06
CA TYR B 97 6.10 7.34 15.22
C TYR B 97 7.04 8.18 14.35
N PRO B 98 6.69 8.41 13.08
CA PRO B 98 5.49 7.87 12.45
C PRO B 98 5.72 6.47 11.88
N LEU B 99 4.65 5.68 11.77
CA LEU B 99 4.75 4.38 11.11
C LEU B 99 5.19 4.58 9.66
N THR B 100 6.25 3.89 9.26
CA THR B 100 6.80 4.04 7.93
C THR B 100 6.84 2.69 7.22
N PHE B 101 6.66 2.74 5.91
CA PHE B 101 6.54 1.55 5.08
C PHE B 101 7.71 1.48 4.10
N GLY B 102 7.86 0.30 3.48
CA GLY B 102 8.96 0.08 2.56
C GLY B 102 8.71 0.66 1.19
N SER B 103 9.78 0.69 0.40
CA SER B 103 9.68 1.21 -0.96
C SER B 103 8.88 0.28 -1.84
N GLY B 104 9.07 -1.01 -1.68
CA GLY B 104 8.24 -1.97 -2.36
C GLY B 104 9.03 -2.84 -3.33
N THR B 105 8.57 -4.08 -3.47
CA THR B 105 9.15 -5.04 -4.42
C THR B 105 8.02 -5.66 -5.21
N LYS B 106 8.16 -5.70 -6.53
CA LYS B 106 7.17 -6.33 -7.41
C LYS B 106 7.67 -7.71 -7.81
N LEU B 107 6.80 -8.70 -7.71
CA LEU B 107 7.14 -10.10 -8.00
C LEU B 107 6.58 -10.48 -9.36
N GLU B 108 7.47 -10.77 -10.31
CA GLU B 108 7.10 -11.00 -11.69
C GLU B 108 7.52 -12.40 -12.13
N LEU B 109 6.81 -12.93 -13.13
CA LEU B 109 7.01 -14.28 -13.62
C LEU B 109 7.94 -14.27 -14.83
N LYS B 110 8.90 -15.17 -14.85
CA LYS B 110 9.79 -15.32 -16.00
C LYS B 110 9.07 -15.99 -17.15
N ARG B 111 9.54 -15.72 -18.36
CA ARG B 111 9.02 -16.38 -19.55
C ARG B 111 10.06 -16.27 -20.65
N THR B 112 9.78 -16.92 -21.78
CA THR B 112 10.66 -16.83 -22.93
C THR B 112 10.50 -15.47 -23.62
N ASP B 113 11.54 -15.09 -24.36
CA ASP B 113 11.52 -13.80 -25.04
C ASP B 113 10.44 -13.76 -26.09
N ALA B 114 9.78 -12.61 -26.21
CA ALA B 114 8.71 -12.40 -27.18
C ALA B 114 8.98 -11.12 -27.94
N ALA B 115 8.85 -11.19 -29.27
CA ALA B 115 9.05 -10.01 -30.10
C ALA B 115 7.80 -9.12 -30.06
N PRO B 116 7.98 -7.80 -30.01
CA PRO B 116 6.82 -6.90 -29.94
C PRO B 116 6.09 -6.81 -31.28
N THR B 117 4.78 -7.04 -31.26
CA THR B 117 3.95 -6.75 -32.41
C THR B 117 3.74 -5.25 -32.51
N VAL B 118 4.18 -4.66 -33.62
CA VAL B 118 4.17 -3.21 -33.80
C VAL B 118 3.09 -2.85 -34.79
N SER B 119 2.23 -1.91 -34.42
CA SER B 119 1.15 -1.42 -35.27
C SER B 119 1.13 0.09 -35.23
N ILE B 120 1.10 0.72 -36.39
CA ILE B 120 1.05 2.17 -36.51
C ILE B 120 -0.32 2.57 -37.02
N PHE B 121 -0.82 3.71 -36.55
CA PHE B 121 -2.15 4.18 -36.89
C PHE B 121 -2.09 5.66 -37.27
N PRO B 122 -2.69 6.06 -38.38
CA PRO B 122 -2.67 7.46 -38.78
C PRO B 122 -3.73 8.25 -38.02
N PRO B 123 -3.67 9.58 -38.04
CA PRO B 123 -4.73 10.38 -37.42
C PRO B 123 -6.08 10.08 -38.05
N SER B 124 -7.11 10.07 -37.21
CA SER B 124 -8.45 9.77 -37.68
C SER B 124 -9.06 10.98 -38.40
N SER B 125 -10.12 10.72 -39.15
CA SER B 125 -10.82 11.80 -39.84
C SER B 125 -11.50 12.73 -38.85
N GLU B 126 -12.07 12.18 -37.78
CA GLU B 126 -12.78 12.99 -36.79
C GLU B 126 -11.83 13.95 -36.09
N GLN B 127 -10.63 13.49 -35.75
CA GLN B 127 -9.67 14.35 -35.08
C GLN B 127 -9.10 15.40 -36.03
N LEU B 128 -8.98 15.08 -37.33
CA LEU B 128 -8.43 16.03 -38.28
C LEU B 128 -9.34 17.24 -38.44
N THR B 129 -10.66 17.04 -38.38
CA THR B 129 -11.57 18.17 -38.46
C THR B 129 -11.44 19.08 -37.24
N SER B 130 -10.98 18.55 -36.11
CA SER B 130 -10.79 19.36 -34.92
C SER B 130 -9.52 20.20 -34.95
N GLY B 131 -8.61 19.92 -35.88
CA GLY B 131 -7.38 20.67 -35.99
C GLY B 131 -6.16 20.02 -35.39
N GLY B 132 -6.30 18.82 -34.82
CA GLY B 132 -5.18 18.11 -34.24
C GLY B 132 -4.94 16.79 -34.96
N ALA B 133 -3.69 16.33 -34.91
CA ALA B 133 -3.31 15.07 -35.54
C ALA B 133 -2.42 14.30 -34.58
N SER B 134 -2.85 13.09 -34.22
CA SER B 134 -2.12 12.24 -33.28
C SER B 134 -1.84 10.89 -33.95
N VAL B 135 -0.57 10.54 -34.03
CA VAL B 135 -0.14 9.24 -34.55
C VAL B 135 0.19 8.35 -33.36
N VAL B 136 -0.39 7.15 -33.34
CA VAL B 136 -0.22 6.23 -32.22
C VAL B 136 0.48 4.97 -32.72
N CYS B 137 1.36 4.43 -31.89
CA CYS B 137 2.14 3.24 -32.20
C CYS B 137 1.98 2.25 -31.05
N PHE B 138 1.59 1.02 -31.36
CA PHE B 138 1.35 -0.01 -30.37
C PHE B 138 2.45 -1.07 -30.43
N LEU B 139 3.02 -1.40 -29.28
CA LEU B 139 3.98 -2.48 -29.14
C LEU B 139 3.41 -3.47 -28.12
N ASN B 140 2.91 -4.60 -28.60
CA ASN B 140 2.12 -5.50 -27.78
C ASN B 140 2.82 -6.84 -27.61
N ASN B 141 2.68 -7.40 -26.39
CA ASN B 141 3.04 -8.79 -26.09
C ASN B 141 4.51 -9.06 -26.34
N PHE B 142 5.37 -8.27 -25.71
CA PHE B 142 6.81 -8.47 -25.80
C PHE B 142 7.39 -8.78 -24.42
N TYR B 143 8.49 -9.54 -24.44
CA TYR B 143 9.26 -9.90 -23.26
C TYR B 143 10.69 -10.03 -23.74
N PRO B 144 11.68 -9.52 -22.96
CA PRO B 144 11.57 -8.94 -21.63
C PRO B 144 10.99 -7.53 -21.58
N LYS B 145 11.12 -6.91 -20.40
CA LYS B 145 10.48 -5.64 -20.13
C LYS B 145 11.12 -4.49 -20.89
N ASP B 146 12.42 -4.57 -21.15
CA ASP B 146 13.16 -3.46 -21.74
C ASP B 146 12.70 -3.22 -23.18
N ILE B 147 12.48 -1.95 -23.53
CA ILE B 147 12.08 -1.58 -24.88
C ILE B 147 12.28 -0.08 -25.04
N ASN B 148 12.34 0.37 -26.29
CA ASN B 148 12.53 1.79 -26.59
C ASN B 148 11.98 2.06 -27.99
N VAL B 149 11.51 3.29 -28.21
CA VAL B 149 10.87 3.67 -29.45
C VAL B 149 11.50 4.94 -30.00
N LYS B 150 11.40 5.11 -31.32
CA LYS B 150 11.81 6.33 -32.00
C LYS B 150 10.72 6.72 -32.99
N TRP B 151 10.56 8.03 -33.19
CA TRP B 151 9.62 8.58 -34.15
C TRP B 151 10.40 9.33 -35.23
N LYS B 152 10.17 8.95 -36.49
CA LYS B 152 10.80 9.60 -37.63
C LYS B 152 9.74 10.21 -38.53
N ILE B 153 9.90 11.49 -38.84
CA ILE B 153 8.99 12.22 -39.71
C ILE B 153 9.75 12.55 -40.99
N ASP B 154 9.37 11.90 -42.09
CA ASP B 154 10.11 11.98 -43.35
C ASP B 154 11.59 11.65 -43.16
N GLY B 155 11.85 10.59 -42.39
CA GLY B 155 13.20 10.12 -42.16
C GLY B 155 13.97 10.84 -41.07
N SER B 156 13.45 11.95 -40.54
CA SER B 156 14.13 12.73 -39.52
C SER B 156 13.53 12.41 -38.15
N GLU B 157 14.39 12.18 -37.16
CA GLU B 157 13.93 11.81 -35.84
C GLU B 157 13.14 12.95 -35.21
N ARG B 158 12.01 12.60 -34.58
CA ARG B 158 11.14 13.55 -33.89
C ARG B 158 11.05 13.15 -32.43
N GLN B 159 11.34 14.09 -31.54
CA GLN B 159 11.29 13.85 -30.11
C GLN B 159 10.73 15.07 -29.38
N ASN B 160 9.58 15.57 -29.86
CA ASN B 160 8.94 16.72 -29.26
C ASN B 160 7.65 16.27 -28.60
N GLY B 161 6.52 16.30 -29.30
CA GLY B 161 5.26 15.95 -28.68
C GLY B 161 4.95 14.46 -28.69
N VAL B 162 5.78 13.68 -27.99
CA VAL B 162 5.60 12.23 -27.89
C VAL B 162 5.27 11.89 -26.44
N LEU B 163 4.24 11.07 -26.27
CA LEU B 163 3.82 10.60 -24.96
C LEU B 163 3.76 9.08 -24.98
N ASN B 164 4.33 8.45 -23.95
CA ASN B 164 4.41 7.00 -23.87
C ASN B 164 3.66 6.49 -22.65
N SER B 165 3.29 5.22 -22.70
CA SER B 165 2.58 4.57 -21.60
C SER B 165 2.91 3.08 -21.62
N TRP B 166 3.28 2.54 -20.47
CA TRP B 166 3.65 1.14 -20.33
C TRP B 166 2.64 0.41 -19.46
N THR B 167 2.26 -0.79 -19.88
CA THR B 167 1.40 -1.64 -19.07
C THR B 167 2.22 -2.48 -18.12
N ASP B 168 1.54 -3.05 -17.12
CA ASP B 168 2.18 -4.02 -16.26
C ASP B 168 2.20 -5.39 -16.94
N GLN B 169 2.88 -6.34 -16.31
CA GLN B 169 2.98 -7.68 -16.86
C GLN B 169 1.60 -8.33 -16.93
N ASP B 170 1.18 -8.69 -18.15
CA ASP B 170 -0.14 -9.27 -18.35
C ASP B 170 -0.27 -10.58 -17.58
N SER B 171 -1.42 -10.76 -16.94
CA SER B 171 -1.62 -11.93 -16.08
C SER B 171 -1.85 -13.22 -16.87
N LYS B 172 -2.24 -13.12 -18.14
CA LYS B 172 -2.52 -14.30 -18.94
C LYS B 172 -1.28 -14.88 -19.61
N ASP B 173 -0.48 -14.05 -20.29
CA ASP B 173 0.68 -14.55 -21.04
C ASP B 173 2.01 -13.97 -20.55
N SER B 174 2.01 -13.23 -19.44
CA SER B 174 3.20 -12.75 -18.76
C SER B 174 4.06 -11.83 -19.63
N THR B 175 3.48 -11.14 -20.60
CA THR B 175 4.22 -10.24 -21.48
C THR B 175 3.98 -8.79 -21.07
N TYR B 176 4.59 -7.88 -21.83
CA TYR B 176 4.47 -6.45 -21.59
C TYR B 176 4.01 -5.76 -22.88
N SER B 177 3.50 -4.54 -22.72
CA SER B 177 3.02 -3.77 -23.85
C SER B 177 3.33 -2.30 -23.65
N MET B 178 3.30 -1.54 -24.75
CA MET B 178 3.65 -0.13 -24.73
C MET B 178 2.96 0.58 -25.87
N SER B 179 2.48 1.80 -25.60
CA SER B 179 1.86 2.65 -26.61
C SER B 179 2.55 4.00 -26.64
N SER B 180 2.82 4.49 -27.84
CA SER B 180 3.47 5.77 -28.05
C SER B 180 2.60 6.64 -28.95
N THR B 181 2.41 7.89 -28.56
CA THR B 181 1.53 8.80 -29.28
C THR B 181 2.28 10.09 -29.61
N LEU B 182 2.29 10.45 -30.89
CA LEU B 182 2.90 11.69 -31.36
C LEU B 182 1.79 12.65 -31.76
N THR B 183 1.62 13.72 -31.00
CA THR B 183 0.55 14.68 -31.22
C THR B 183 1.12 15.93 -31.90
N LEU B 184 0.47 16.33 -33.01
CA LEU B 184 0.87 17.50 -33.76
C LEU B 184 -0.37 18.22 -34.25
N THR B 185 -0.19 19.48 -34.65
CA THR B 185 -1.31 20.23 -35.21
C THR B 185 -1.60 19.75 -36.62
N LYS B 186 -2.79 20.11 -37.11
CA LYS B 186 -3.20 19.68 -38.45
C LYS B 186 -2.30 20.29 -39.52
N ASP B 187 -1.85 21.53 -39.31
CA ASP B 187 -1.03 22.19 -40.32
C ASP B 187 0.33 21.52 -40.46
N GLU B 188 1.00 21.24 -39.33
CA GLU B 188 2.31 20.62 -39.41
C GLU B 188 2.23 19.16 -39.81
N TYR B 189 1.10 18.49 -39.53
CA TYR B 189 0.94 17.11 -39.94
C TYR B 189 0.78 17.00 -41.45
N GLU B 190 -0.04 17.86 -42.05
CA GLU B 190 -0.23 17.85 -43.49
C GLU B 190 1.01 18.29 -44.26
N ARG B 191 1.95 18.95 -43.57
CA ARG B 191 3.16 19.40 -44.25
C ARG B 191 4.05 18.23 -44.63
N HIS B 192 4.11 17.21 -43.78
CA HIS B 192 4.94 16.04 -44.01
C HIS B 192 4.10 14.89 -44.56
N ASN B 193 4.79 13.82 -44.98
CA ASN B 193 4.12 12.74 -45.69
C ASN B 193 4.40 11.37 -45.09
N SER B 194 5.61 11.16 -44.58
CA SER B 194 6.03 9.87 -44.04
C SER B 194 6.15 9.94 -42.52
N TYR B 195 5.54 8.97 -41.84
CA TYR B 195 5.58 8.87 -40.38
C TYR B 195 5.87 7.42 -40.02
N THR B 196 6.94 7.20 -39.26
CA THR B 196 7.37 5.87 -38.88
C THR B 196 7.69 5.83 -37.39
N CYS B 197 7.39 4.70 -36.75
CA CYS B 197 7.83 4.43 -35.39
C CYS B 197 8.73 3.20 -35.39
N GLU B 198 9.94 3.35 -34.87
CA GLU B 198 10.92 2.27 -34.80
C GLU B 198 11.00 1.79 -33.36
N ALA B 199 10.79 0.49 -33.16
CA ALA B 199 10.80 -0.13 -31.84
C ALA B 199 12.06 -0.98 -31.69
N THR B 200 12.82 -0.71 -30.64
CA THR B 200 14.05 -1.43 -30.35
C THR B 200 13.81 -2.39 -29.19
N HIS B 201 14.21 -3.65 -29.38
CA HIS B 201 14.02 -4.68 -28.36
C HIS B 201 15.20 -5.64 -28.39
N LYS B 202 15.38 -6.36 -27.29
CA LYS B 202 16.42 -7.38 -27.21
C LYS B 202 16.20 -8.49 -28.23
N THR B 203 14.94 -8.74 -28.61
CA THR B 203 14.63 -9.86 -29.48
C THR B 203 15.23 -9.74 -30.87
N SER B 204 15.62 -8.54 -31.28
CA SER B 204 16.16 -8.32 -32.62
C SER B 204 17.32 -7.33 -32.56
N THR B 205 18.34 -7.60 -33.37
CA THR B 205 19.45 -6.65 -33.49
C THR B 205 19.04 -5.40 -34.25
N SER B 206 18.11 -5.53 -35.20
CA SER B 206 17.60 -4.41 -35.98
C SER B 206 16.21 -4.04 -35.49
N PRO B 207 15.94 -2.75 -35.25
CA PRO B 207 14.62 -2.38 -34.71
C PRO B 207 13.50 -2.65 -35.71
N ILE B 208 12.31 -2.87 -35.17
CA ILE B 208 11.12 -3.07 -35.99
C ILE B 208 10.61 -1.73 -36.48
N VAL B 209 10.22 -1.66 -37.74
CA VAL B 209 9.78 -0.42 -38.37
C VAL B 209 8.39 -0.63 -38.97
N LYS B 210 7.48 0.29 -38.67
CA LYS B 210 6.17 0.35 -39.29
C LYS B 210 5.92 1.76 -39.79
N SER B 211 5.23 1.88 -40.92
CA SER B 211 5.11 3.17 -41.59
C SER B 211 3.76 3.31 -42.26
N PHE B 212 3.36 4.57 -42.45
CA PHE B 212 2.21 4.92 -43.28
C PHE B 212 2.54 6.24 -43.98
N ASN B 213 2.17 6.33 -45.25
CA ASN B 213 2.35 7.54 -46.04
C ASN B 213 1.02 8.21 -46.28
N ARG B 214 0.99 9.53 -46.13
CA ARG B 214 -0.26 10.28 -46.29
C ARG B 214 -0.75 10.23 -47.73
N ASN B 215 0.18 10.26 -48.69
CA ASN B 215 -0.22 10.26 -50.10
C ASN B 215 -0.83 8.92 -50.50
N GLU B 216 -0.32 7.82 -49.94
CA GLU B 216 -0.85 6.49 -50.25
C GLU B 216 -1.99 6.14 -49.28
N ASP C 4 -5.01 0.39 51.94
CA ASP C 4 -5.25 -0.41 50.74
C ASP C 4 -3.98 -1.11 50.26
N LEU C 5 -4.09 -2.41 50.02
CA LEU C 5 -2.98 -3.22 49.56
C LEU C 5 -3.36 -3.90 48.25
N PRO C 6 -2.51 -3.85 47.23
CA PRO C 6 -2.83 -4.52 45.97
C PRO C 6 -2.91 -6.04 46.17
N LEU C 7 -3.86 -6.65 45.48
CA LEU C 7 -4.08 -8.09 45.54
C LEU C 7 -3.73 -8.72 44.20
N LEU C 8 -3.14 -9.91 44.25
CA LEU C 8 -2.66 -10.59 43.05
C LEU C 8 -3.26 -11.98 42.98
N CYS C 9 -3.76 -12.36 41.81
CA CYS C 9 -4.37 -13.66 41.60
C CYS C 9 -3.79 -14.30 40.34
N THR C 10 -3.51 -15.60 40.42
CA THR C 10 -2.94 -16.35 39.33
C THR C 10 -3.94 -17.41 38.87
N LEU C 11 -4.13 -17.48 37.55
CA LEU C 11 -5.10 -18.39 36.95
C LEU C 11 -4.38 -19.28 35.94
N ASN C 12 -4.58 -20.59 36.07
CA ASN C 12 -4.01 -21.64 35.23
C ASN C 12 -2.51 -21.79 35.40
N LYS C 13 -1.91 -21.14 36.39
CA LYS C 13 -0.48 -21.26 36.67
C LYS C 13 0.39 -20.87 35.47
N SER C 14 -0.08 -19.90 34.68
CA SER C 14 0.70 -19.39 33.56
C SER C 14 0.65 -17.89 33.41
N HIS C 15 -0.36 -17.22 33.96
CA HIS C 15 -0.50 -15.78 33.83
C HIS C 15 -0.72 -15.16 35.20
N LEU C 16 -0.14 -13.99 35.42
CA LEU C 16 -0.15 -13.31 36.70
C LEU C 16 -0.90 -11.99 36.56
N TYR C 17 -1.90 -11.78 37.41
CA TYR C 17 -2.75 -10.60 37.38
C TYR C 17 -2.67 -9.87 38.72
N ILE C 18 -2.44 -8.56 38.66
CA ILE C 18 -2.36 -7.73 39.85
C ILE C 18 -3.34 -6.57 39.71
N LYS C 19 -4.13 -6.33 40.76
CA LYS C 19 -5.13 -5.27 40.77
C LYS C 19 -4.90 -4.37 41.97
N GLY C 20 -4.69 -3.09 41.72
CA GLY C 20 -4.59 -2.11 42.78
C GLY C 20 -5.46 -0.91 42.51
N GLY C 21 -6.39 -0.62 43.41
CA GLY C 21 -7.31 0.48 43.19
C GLY C 21 -8.20 0.21 41.99
N ASN C 22 -8.24 1.16 41.07
CA ASN C 22 -9.00 1.02 39.84
C ASN C 22 -8.15 0.54 38.67
N ALA C 23 -6.90 0.17 38.92
CA ALA C 23 -5.98 -0.26 37.88
C ALA C 23 -5.70 -1.75 38.03
N SER C 24 -5.76 -2.47 36.92
CA SER C 24 -5.49 -3.90 36.88
C SER C 24 -4.57 -4.20 35.71
N PHE C 25 -3.52 -4.98 35.98
CA PHE C 25 -2.51 -5.31 34.97
C PHE C 25 -2.44 -6.82 34.79
N GLN C 26 -1.91 -7.23 33.63
CA GLN C 26 -1.57 -8.62 33.34
C GLN C 26 -0.10 -8.71 32.99
N ILE C 27 0.62 -9.56 33.71
CA ILE C 27 2.06 -9.73 33.55
C ILE C 27 2.32 -10.96 32.70
N SER C 28 3.11 -10.79 31.63
CA SER C 28 3.44 -11.87 30.73
C SER C 28 4.94 -11.89 30.46
N PHE C 29 5.43 -13.05 30.05
CA PHE C 29 6.85 -13.26 29.80
C PHE C 29 7.04 -13.89 28.43
N ASP C 30 7.82 -13.25 27.57
CA ASP C 30 8.20 -13.79 26.28
C ASP C 30 9.41 -13.01 25.78
N ASP C 31 9.96 -13.44 24.65
CA ASP C 31 11.14 -12.81 24.07
C ASP C 31 10.80 -11.63 23.17
N ILE C 32 9.51 -11.30 23.01
CA ILE C 32 9.12 -10.17 22.18
C ILE C 32 9.51 -8.87 22.88
N ALA C 33 10.28 -8.03 22.20
CA ALA C 33 10.68 -6.73 22.74
C ALA C 33 9.68 -5.68 22.27
N VAL C 34 8.56 -5.60 23.01
CA VAL C 34 7.53 -4.63 22.66
C VAL C 34 8.08 -3.21 22.75
N LEU C 35 8.84 -2.92 23.81
CA LEU C 35 9.41 -1.60 24.01
C LEU C 35 10.91 -1.64 23.68
N LEU C 36 11.37 -0.65 22.93
CA LEU C 36 12.77 -0.53 22.55
C LEU C 36 13.40 0.70 23.20
N PRO C 37 14.61 0.57 23.73
CA PRO C 37 15.20 1.70 24.47
C PRO C 37 15.43 2.95 23.64
N GLN C 38 15.58 2.81 22.31
CA GLN C 38 15.89 3.97 21.49
C GLN C 38 14.71 4.93 21.40
N TYR C 39 13.50 4.39 21.28
CA TYR C 39 12.32 5.22 21.02
C TYR C 39 11.37 5.28 22.20
N ASP C 40 11.72 4.73 23.35
CA ASP C 40 10.80 4.66 24.48
C ASP C 40 11.41 5.27 25.72
N VAL C 41 10.54 5.59 26.68
CA VAL C 41 10.95 6.32 27.87
C VAL C 41 11.77 5.39 28.77
N ILE C 42 12.83 5.95 29.34
CA ILE C 42 13.72 5.23 30.24
C ILE C 42 13.35 5.60 31.66
N ILE C 43 13.06 4.59 32.49
CA ILE C 43 12.69 4.84 33.88
C ILE C 43 13.90 4.61 34.77
N GLN C 44 14.73 5.64 34.91
CA GLN C 44 15.88 5.58 35.81
C GLN C 44 15.57 6.19 37.17
N HIS C 45 14.42 6.85 37.32
CA HIS C 45 13.99 7.43 38.57
C HIS C 45 12.49 7.21 38.67
N PRO C 46 11.96 6.92 39.87
CA PRO C 46 10.51 6.66 39.99
C PRO C 46 9.64 7.84 39.58
N ALA C 47 10.16 9.07 39.66
CA ALA C 47 9.38 10.23 39.23
C ALA C 47 9.20 10.28 37.73
N ASP C 48 10.05 9.58 36.97
CA ASP C 48 9.93 9.57 35.51
C ASP C 48 8.73 8.77 35.02
N MET C 49 8.02 8.06 35.91
CA MET C 49 6.88 7.26 35.51
C MET C 49 5.64 8.10 35.18
N SER C 50 5.69 9.41 35.42
CA SER C 50 4.56 10.25 35.04
C SER C 50 4.35 10.27 33.54
N TRP C 51 5.42 10.05 32.77
CA TRP C 51 5.31 9.96 31.32
C TRP C 51 4.70 8.65 30.86
N CYS C 52 4.53 7.67 31.76
CA CYS C 52 4.06 6.36 31.34
C CYS C 52 2.54 6.30 31.19
N SER C 53 1.81 7.14 31.92
CA SER C 53 0.36 7.07 31.90
C SER C 53 -0.24 8.42 32.22
N LYS C 54 -1.52 8.57 31.87
CA LYS C 54 -2.30 9.73 32.26
C LYS C 54 -3.13 9.48 33.52
N SER C 55 -3.12 8.26 34.04
CA SER C 55 -3.88 7.89 35.22
C SER C 55 -2.92 7.65 36.39
N ASP C 56 -3.21 8.29 37.53
CA ASP C 56 -2.35 8.14 38.69
C ASP C 56 -2.41 6.73 39.26
N ASP C 57 -3.53 6.03 39.08
CA ASP C 57 -3.66 4.67 39.59
C ASP C 57 -2.66 3.74 38.92
N GLN C 58 -2.49 3.87 37.60
CA GLN C 58 -1.54 3.02 36.89
C GLN C 58 -0.11 3.34 37.29
N ILE C 59 0.20 4.61 37.53
CA ILE C 59 1.54 4.98 37.94
C ILE C 59 1.84 4.43 39.33
N TRP C 60 0.91 4.59 40.27
CA TRP C 60 1.12 4.10 41.63
C TRP C 60 1.23 2.57 41.66
N LEU C 61 0.35 1.89 40.92
CA LEU C 61 0.39 0.43 40.89
C LEU C 61 1.68 -0.06 40.25
N SER C 62 2.17 0.64 39.22
CA SER C 62 3.45 0.28 38.62
C SER C 62 4.59 0.45 39.62
N GLN C 63 4.61 1.59 40.32
CA GLN C 63 5.65 1.82 41.32
C GLN C 63 5.56 0.81 42.46
N TRP C 64 4.33 0.42 42.82
CA TRP C 64 4.16 -0.56 43.90
C TRP C 64 4.78 -1.90 43.51
N PHE C 65 4.60 -2.31 42.25
CA PHE C 65 5.07 -3.63 41.84
C PHE C 65 6.59 -3.72 41.86
N MET C 66 7.28 -2.69 41.39
CA MET C 66 8.74 -2.73 41.39
C MET C 66 9.31 -2.68 42.79
N ASN C 67 8.65 -1.95 43.70
CA ASN C 67 9.04 -1.99 45.11
C ASN C 67 8.81 -3.38 45.70
N ALA C 68 7.79 -4.10 45.22
CA ALA C 68 7.47 -5.41 45.77
C ALA C 68 8.52 -6.45 45.38
N VAL C 69 8.99 -6.42 44.13
CA VAL C 69 10.00 -7.38 43.69
C VAL C 69 11.41 -7.00 44.11
N GLY C 70 11.59 -5.87 44.78
CA GLY C 70 12.90 -5.47 45.23
C GLY C 70 13.71 -4.70 44.20
N HIS C 71 13.05 -4.00 43.29
CA HIS C 71 13.76 -3.21 42.30
C HIS C 71 14.37 -1.98 42.94
N ASP C 72 15.68 -1.79 42.76
CA ASP C 72 16.38 -0.62 43.26
C ASP C 72 16.48 0.38 42.12
N TRP C 73 15.80 1.52 42.28
CA TRP C 73 15.65 2.47 41.18
C TRP C 73 16.97 3.10 40.75
N HIS C 74 17.96 3.12 41.64
CA HIS C 74 19.23 3.79 41.33
C HIS C 74 20.39 2.83 41.14
N LEU C 75 20.22 1.54 41.43
CA LEU C 75 21.27 0.55 41.23
C LEU C 75 20.95 -0.48 40.16
N ASP C 76 19.69 -0.82 39.97
CA ASP C 76 19.27 -1.83 39.02
C ASP C 76 19.11 -1.24 37.63
N PRO C 77 19.18 -2.06 36.59
CA PRO C 77 18.98 -1.56 35.22
C PRO C 77 17.63 -0.90 35.07
N PRO C 78 17.57 0.26 34.43
CA PRO C 78 16.28 0.94 34.27
C PRO C 78 15.39 0.19 33.31
N PHE C 79 14.09 0.29 33.55
CA PHE C 79 13.10 -0.34 32.70
C PHE C 79 12.42 0.72 31.82
N LEU C 80 11.66 0.24 30.84
CA LEU C 80 11.06 1.08 29.82
C LEU C 80 9.55 1.14 29.99
N CYS C 81 8.96 2.21 29.47
CA CYS C 81 7.51 2.35 29.43
C CYS C 81 7.15 3.19 28.22
N ARG C 82 5.93 2.97 27.71
CA ARG C 82 5.48 3.67 26.51
C ARG C 82 5.06 5.10 26.86
N ASN C 83 5.50 6.05 26.04
CA ASN C 83 5.16 7.46 26.25
C ASN C 83 3.65 7.64 26.24
N ARG C 84 3.13 8.33 27.25
CA ARG C 84 1.68 8.52 27.36
C ARG C 84 1.09 9.27 26.18
N THR C 85 1.92 10.01 25.43
CA THR C 85 1.43 10.69 24.25
C THR C 85 1.08 9.73 23.12
N LYS C 86 1.63 8.52 23.15
CA LYS C 86 1.31 7.51 22.15
C LYS C 86 -0.01 6.84 22.49
N THR C 87 -0.64 6.25 21.47
CA THR C 87 -1.99 5.72 21.60
C THR C 87 -2.06 4.20 21.60
N GLU C 88 -0.92 3.51 21.46
CA GLU C 88 -0.95 2.05 21.50
C GLU C 88 -1.42 1.54 22.86
N GLY C 89 -1.26 2.32 23.91
CA GLY C 89 -1.75 1.98 25.23
C GLY C 89 -0.62 1.83 26.24
N PHE C 90 -1.02 1.80 27.50
CA PHE C 90 -0.07 1.69 28.59
C PHE C 90 0.64 0.34 28.55
N ILE C 91 1.93 0.36 28.87
CA ILE C 91 2.74 -0.85 29.02
C ILE C 91 4.10 -0.45 29.58
N PHE C 92 4.70 -1.33 30.39
CA PHE C 92 6.09 -1.15 30.79
C PHE C 92 6.78 -2.51 30.80
N GLN C 93 8.08 -2.50 30.51
CA GLN C 93 8.83 -3.70 30.17
C GLN C 93 10.12 -3.76 30.98
N VAL C 94 10.35 -4.89 31.64
CA VAL C 94 11.55 -5.14 32.42
C VAL C 94 12.30 -6.31 31.81
N ASN C 95 13.60 -6.13 31.59
CA ASN C 95 14.44 -7.20 31.06
C ASN C 95 14.68 -8.23 32.15
N THR C 96 14.13 -9.44 31.97
CA THR C 96 14.25 -10.52 32.94
C THR C 96 15.05 -11.70 32.39
N SER C 97 15.94 -11.46 31.44
CA SER C 97 16.70 -12.53 30.80
C SER C 97 17.87 -12.95 31.68
N LYS C 98 17.96 -14.25 31.95
CA LYS C 98 19.05 -14.81 32.77
C LYS C 98 20.26 -15.08 31.88
N THR C 99 20.93 -13.99 31.50
CA THR C 99 22.09 -14.09 30.63
C THR C 99 22.88 -12.80 30.69
N GLY C 100 24.19 -12.91 30.43
CA GLY C 100 25.07 -11.77 30.35
C GLY C 100 25.18 -11.03 31.67
N VAL C 101 25.38 -9.71 31.57
CA VAL C 101 25.49 -8.87 32.75
C VAL C 101 24.17 -8.72 33.49
N ASN C 102 23.05 -9.08 32.84
CA ASN C 102 21.74 -9.01 33.47
C ASN C 102 21.44 -10.24 34.34
N GLU C 103 22.43 -11.12 34.53
CA GLU C 103 22.20 -12.35 35.29
C GLU C 103 21.81 -12.05 36.73
N ASN C 104 22.57 -11.18 37.41
CA ASN C 104 22.30 -10.90 38.81
C ASN C 104 20.93 -10.26 39.01
N TYR C 105 20.56 -9.33 38.13
CA TYR C 105 19.24 -8.71 38.24
C TYR C 105 18.14 -9.70 37.92
N ALA C 106 18.34 -10.55 36.90
CA ALA C 106 17.34 -11.54 36.56
C ALA C 106 17.13 -12.54 37.69
N LYS C 107 18.19 -12.84 38.44
CA LYS C 107 18.05 -13.79 39.54
C LYS C 107 17.36 -13.16 40.74
N LYS C 108 17.56 -11.87 40.96
CA LYS C 108 16.83 -11.18 42.03
C LYS C 108 15.37 -10.98 41.65
N PHE C 109 15.08 -10.84 40.35
CA PHE C 109 13.70 -10.71 39.91
C PHE C 109 12.93 -12.00 40.13
N LYS C 110 13.56 -13.15 39.85
CA LYS C 110 12.92 -14.43 40.12
C LYS C 110 12.60 -14.57 41.60
N THR C 111 13.54 -14.18 42.47
CA THR C 111 13.30 -14.25 43.91
C THR C 111 12.14 -13.35 44.31
N GLY C 112 12.09 -12.14 43.76
CA GLY C 112 11.01 -11.23 44.11
C GLY C 112 9.65 -11.72 43.68
N MET C 113 9.57 -12.29 42.47
CA MET C 113 8.30 -12.85 42.00
C MET C 113 7.88 -14.04 42.83
N HIS C 114 8.83 -14.90 43.22
CA HIS C 114 8.49 -16.07 44.02
C HIS C 114 7.94 -15.70 45.38
N HIS C 115 8.37 -14.56 45.94
CA HIS C 115 7.81 -14.09 47.19
C HIS C 115 6.51 -13.31 47.00
N LEU C 116 6.30 -12.73 45.82
CA LEU C 116 5.06 -12.00 45.55
C LEU C 116 3.91 -12.96 45.27
N TYR C 117 4.06 -13.82 44.27
CA TYR C 117 3.06 -14.81 43.92
C TYR C 117 3.43 -16.16 44.53
N ARG C 118 2.46 -16.79 45.20
CA ARG C 118 2.73 -18.10 45.79
C ARG C 118 3.04 -19.13 44.71
N GLU C 119 2.31 -19.10 43.60
CA GLU C 119 2.54 -19.98 42.46
C GLU C 119 3.00 -19.13 41.28
N TYR C 120 4.30 -19.16 41.02
CA TYR C 120 4.90 -18.35 39.95
C TYR C 120 5.64 -19.25 38.98
N PRO C 121 5.15 -19.42 37.74
CA PRO C 121 5.88 -20.21 36.75
C PRO C 121 6.97 -19.38 36.08
N ASP C 122 8.22 -19.70 36.37
CA ASP C 122 9.34 -18.97 35.80
C ASP C 122 9.50 -19.40 34.34
N SER C 123 8.95 -18.58 33.43
CA SER C 123 9.09 -18.90 32.01
C SER C 123 10.51 -18.63 31.52
N CYS C 124 11.24 -17.76 32.21
CA CYS C 124 12.58 -17.39 31.79
C CYS C 124 13.54 -18.57 31.99
N LEU C 125 14.26 -18.93 30.93
CA LEU C 125 15.21 -20.03 30.98
C LEU C 125 16.62 -19.49 30.76
N ASN C 126 17.59 -20.16 31.38
CA ASN C 126 18.97 -19.71 31.35
C ASN C 126 19.48 -19.62 29.92
N GLY C 127 20.10 -18.49 29.58
CA GLY C 127 20.71 -18.29 28.28
C GLY C 127 19.78 -17.74 27.21
N LYS C 128 18.48 -17.60 27.51
CA LYS C 128 17.52 -17.13 26.53
C LYS C 128 16.95 -15.79 26.97
N LEU C 129 16.64 -14.94 25.98
CA LEU C 129 16.07 -13.64 26.27
C LEU C 129 14.67 -13.78 26.87
N CYS C 130 14.41 -13.05 27.93
CA CYS C 130 13.12 -13.08 28.62
C CYS C 130 12.77 -11.66 29.01
N LEU C 131 11.62 -11.17 28.56
CA LEU C 131 11.20 -9.80 28.80
C LEU C 131 9.82 -9.81 29.44
N MET C 132 9.73 -9.19 30.62
CA MET C 132 8.46 -9.06 31.33
C MET C 132 7.73 -7.81 30.86
N LYS C 133 6.41 -7.91 30.72
CA LYS C 133 5.59 -6.81 30.26
C LYS C 133 4.27 -6.82 31.00
N ALA C 134 3.90 -5.67 31.56
CA ALA C 134 2.63 -5.48 32.25
C ALA C 134 1.81 -4.46 31.49
N GLN C 135 0.61 -4.86 31.11
CA GLN C 135 -0.32 -4.04 30.35
C GLN C 135 -1.68 -4.09 31.01
N PRO C 136 -2.50 -3.05 30.83
CA PRO C 136 -3.85 -3.08 31.41
C PRO C 136 -4.68 -4.23 30.86
N THR C 137 -5.65 -4.66 31.67
CA THR C 137 -6.53 -5.75 31.28
C THR C 137 -7.77 -5.69 32.17
N SER C 138 -8.85 -6.27 31.67
CA SER C 138 -10.07 -6.36 32.46
C SER C 138 -9.88 -7.38 33.58
N TRP C 139 -10.24 -6.99 34.80
CA TRP C 139 -10.01 -7.85 35.94
C TRP C 139 -10.86 -9.12 35.84
N PRO C 140 -10.26 -10.31 35.94
CA PRO C 140 -11.04 -11.54 35.81
C PRO C 140 -11.99 -11.72 36.98
N LEU C 141 -13.22 -12.11 36.66
CA LEU C 141 -14.23 -12.42 37.67
C LEU C 141 -14.09 -13.83 38.22
N GLN C 142 -13.16 -14.63 37.68
CA GLN C 142 -12.97 -16.01 38.08
C GLN C 142 -11.78 -16.17 39.02
N CYS C 143 -11.34 -15.08 39.63
CA CYS C 143 -10.20 -15.07 40.54
C CYS C 143 -10.57 -14.23 41.75
N PRO C 144 -9.85 -14.39 42.86
CA PRO C 144 -10.26 -13.74 44.11
C PRO C 144 -10.46 -12.24 43.98
N LEU C 145 -11.46 -11.72 44.70
CA LEU C 145 -11.75 -10.29 44.73
C LEU C 145 -11.49 -9.72 46.13
C1 NAG D . 18.07 -7.85 27.82
C2 NAG D . 18.31 -7.14 26.49
C3 NAG D . 19.12 -8.03 25.55
C4 NAG D . 20.39 -8.52 26.23
C5 NAG D . 20.07 -9.15 27.59
C6 NAG D . 21.30 -9.52 28.39
C7 NAG D . 16.57 -5.52 25.85
C8 NAG D . 15.25 -5.32 25.17
N2 NAG D . 17.05 -6.77 25.87
O3 NAG D . 19.45 -7.29 24.38
O4 NAG D . 21.01 -9.50 25.40
O5 NAG D . 19.33 -8.23 28.39
O6 NAG D . 21.84 -8.39 29.06
O7 NAG D . 17.19 -4.59 26.36
C1 NAG D . 22.38 -9.18 25.08
C2 NAG D . 22.84 -10.17 24.00
C3 NAG D . 24.28 -9.89 23.60
C4 NAG D . 24.44 -8.42 23.20
C5 NAG D . 23.92 -7.51 24.31
C6 NAG D . 23.95 -6.05 23.92
C7 NAG D . 21.86 -12.42 23.86
C8 NAG D . 21.83 -13.79 24.44
N2 NAG D . 22.69 -11.54 24.45
O3 NAG D . 24.65 -10.73 22.52
O4 NAG D . 25.82 -8.14 22.96
O5 NAG D . 22.55 -7.83 24.61
O6 NAG D . 25.27 -5.61 23.62
O7 NAG D . 21.19 -12.11 22.88
C1 GOL E . -1.72 6.06 -24.08
O1 GOL E . -1.99 6.17 -22.71
C2 GOL E . -1.15 7.42 -24.53
O2 GOL E . -1.99 8.06 -25.44
C3 GOL E . 0.24 7.11 -25.15
O3 GOL E . 0.00 6.33 -26.27
C1 NAG F . 6.85 11.97 25.04
C2 NAG F . 8.29 12.39 25.30
C3 NAG F . 8.40 13.91 25.37
C4 NAG F . 7.82 14.54 24.11
C5 NAG F . 6.38 14.05 23.91
C6 NAG F . 5.77 14.56 22.63
C7 NAG F . 10.09 11.47 26.72
C8 NAG F . 10.43 10.87 28.04
N2 NAG F . 8.80 11.79 26.53
O3 NAG F . 9.76 14.29 25.52
O4 NAG F . 7.82 15.95 24.23
O5 NAG F . 6.36 12.62 23.85
O6 NAG F . 5.81 13.58 21.60
O7 NAG F . 10.93 11.65 25.84
C1 GOL G . 6.44 -0.10 20.27
O1 GOL G . 5.70 -1.28 20.31
C2 GOL G . 5.43 1.06 20.50
O2 GOL G . 4.16 0.58 20.74
C3 GOL G . 6.01 1.87 21.69
O3 GOL G . 7.22 2.42 21.27
#